data_6TX2
#
_entry.id   6TX2
#
_cell.length_a   115.099
_cell.length_b   115.099
_cell.length_c   90.388
_cell.angle_alpha   90.000
_cell.angle_beta   90.000
_cell.angle_gamma   120.000
#
_symmetry.space_group_name_H-M   'P 65'
#
loop_
_entity.id
_entity.type
_entity.pdbx_description
1 polymer 'Histone PARylation factor 1'
2 non-polymer 'SODIUM ION'
3 water water
#
_entity_poly.entity_id   1
_entity_poly.type   'polypeptide(L)'
_entity_poly.pdbx_seq_one_letter_code
;MGHHHHHHLRKEVENHYKLSLPEDFYHFWKFCEELDPEKPSDSLSASLGLQLVGPYDILAGKHKTKKKSTGLNFNLHWRF
YYDPPEFQTIIIGDNKTQYHMGYFRDSPDEFPVYVGINEAKKNCIIVPNGDNVFAAVKLFLTKKLKEITDKKKINLLKNI
DEKLTEAARELGYSLEQRTVKMKQRDKKVVTKTFHGAGLVVPVDKNDVGYRELPETDADLKRICKTIVEAASDEERLKAF
APIQEMMTFVQFANDECDYGMGLELGMDLFCYGSHYFHKVAGQLLPLAYNLLKRNLFAEIIEEHLANRSQENIDQLAA
;
_entity_poly.pdbx_strand_id   A
#
loop_
_chem_comp.id
_chem_comp.type
_chem_comp.name
_chem_comp.formula
NA non-polymer 'SODIUM ION' 'Na 1'
#
# COMPACT_ATOMS: atom_id res chain seq x y z
N HIS A 7 15.39 -2.21 -19.63
CA HIS A 7 16.26 -1.26 -18.94
C HIS A 7 17.34 -2.06 -18.20
N HIS A 8 18.58 -1.56 -18.27
CA HIS A 8 19.69 -2.33 -17.72
C HIS A 8 19.59 -2.50 -16.19
N LEU A 9 18.80 -1.68 -15.50
CA LEU A 9 18.67 -1.75 -14.05
C LEU A 9 17.43 -2.54 -13.59
N ARG A 10 16.81 -3.31 -14.50
CA ARG A 10 15.60 -4.06 -14.17
C ARG A 10 15.84 -5.11 -13.09
N LYS A 11 16.79 -6.02 -13.33
CA LYS A 11 17.04 -7.08 -12.35
C LYS A 11 17.55 -6.50 -11.02
N GLU A 12 18.15 -5.32 -11.06
CA GLU A 12 18.57 -4.67 -9.82
C GLU A 12 17.37 -4.17 -9.02
N VAL A 13 16.33 -3.70 -9.71
CA VAL A 13 15.08 -3.34 -9.03
C VAL A 13 14.51 -4.53 -8.28
N GLU A 14 14.38 -5.65 -8.97
CA GLU A 14 13.70 -6.80 -8.38
C GLU A 14 14.57 -7.49 -7.35
N ASN A 15 15.89 -7.38 -7.46
CA ASN A 15 16.73 -7.96 -6.43
C ASN A 15 16.70 -7.13 -5.15
N HIS A 16 16.63 -5.80 -5.30
CA HIS A 16 16.64 -4.96 -4.10
C HIS A 16 15.32 -5.05 -3.35
N TYR A 17 14.20 -5.03 -4.06
CA TYR A 17 12.90 -5.11 -3.40
C TYR A 17 12.47 -6.54 -3.11
N LYS A 18 13.08 -7.53 -3.78
CA LYS A 18 12.72 -8.94 -3.66
C LYS A 18 11.28 -9.16 -4.12
N LEU A 19 10.87 -8.35 -5.08
CA LEU A 19 9.52 -8.36 -5.65
C LEU A 19 9.65 -8.25 -7.15
N SER A 20 8.67 -8.85 -7.84
CA SER A 20 8.58 -8.80 -9.31
C SER A 20 7.75 -7.57 -9.67
N LEU A 21 8.20 -6.78 -10.64
CA LEU A 21 7.43 -5.56 -11.03
C LEU A 21 6.71 -5.83 -12.34
N PRO A 22 5.44 -5.38 -12.50
CA PRO A 22 4.66 -5.60 -13.71
C PRO A 22 5.18 -4.79 -14.91
N GLU A 23 4.78 -5.19 -16.11
CA GLU A 23 5.28 -4.52 -17.36
C GLU A 23 4.92 -3.03 -17.37
N ASP A 24 3.74 -2.65 -16.87
CA ASP A 24 3.36 -1.21 -16.87
C ASP A 24 4.42 -0.38 -16.15
N PHE A 25 5.03 -0.92 -15.09
CA PHE A 25 6.07 -0.19 -14.36
C PHE A 25 7.19 0.23 -15.30
N TYR A 26 7.68 -0.69 -16.12
CA TYR A 26 8.80 -0.42 -17.01
C TYR A 26 8.39 0.43 -18.22
N HIS A 27 7.25 0.13 -18.83
CA HIS A 27 6.77 0.99 -19.92
C HIS A 27 6.58 2.42 -19.46
N PHE A 28 6.03 2.61 -18.26
CA PHE A 28 5.81 3.98 -17.79
C PHE A 28 7.13 4.71 -17.58
N TRP A 29 8.18 3.99 -17.14
CA TRP A 29 9.49 4.63 -17.05
C TRP A 29 9.93 5.17 -18.40
N LYS A 30 9.84 4.33 -19.45
CA LYS A 30 10.21 4.79 -20.79
C LYS A 30 9.31 5.94 -21.27
N PHE A 31 8.03 5.92 -20.89
CA PHE A 31 7.16 7.05 -21.18
C PHE A 31 7.70 8.33 -20.55
N CYS A 32 8.07 8.28 -19.27
CA CYS A 32 8.58 9.48 -18.59
C CYS A 32 9.95 9.90 -19.10
N GLU A 33 10.81 8.95 -19.46
CA GLU A 33 12.08 9.27 -20.11
C GLU A 33 11.85 10.09 -21.37
N GLU A 34 10.91 9.64 -22.23
CA GLU A 34 10.67 10.40 -23.46
C GLU A 34 10.13 11.78 -23.13
N LEU A 35 9.31 11.86 -22.08
CA LEU A 35 8.72 13.13 -21.67
C LEU A 35 9.78 14.11 -21.17
N ASP A 36 10.74 13.64 -20.39
CA ASP A 36 11.81 14.51 -19.89
C ASP A 36 13.06 13.69 -19.67
N PRO A 37 13.87 13.48 -20.72
CA PRO A 37 15.02 12.58 -20.61
C PRO A 37 16.12 13.10 -19.70
N GLU A 38 16.12 14.39 -19.37
CA GLU A 38 17.10 14.90 -18.41
C GLU A 38 16.76 14.50 -16.99
N LYS A 39 15.47 14.37 -16.65
CA LYS A 39 15.04 14.05 -15.28
C LYS A 39 13.75 13.25 -15.34
N PRO A 40 13.83 11.98 -15.76
CA PRO A 40 12.59 11.20 -15.97
C PRO A 40 11.71 11.11 -14.73
N SER A 41 12.31 10.92 -13.55
CA SER A 41 11.49 10.77 -12.36
C SER A 41 10.81 12.07 -11.95
N ASP A 42 11.22 13.21 -12.50
CA ASP A 42 10.59 14.50 -12.25
C ASP A 42 9.76 15.00 -13.43
N SER A 43 9.53 14.15 -14.44
CA SER A 43 8.88 14.60 -15.67
C SER A 43 7.45 15.09 -15.44
N LEU A 44 6.77 14.57 -14.41
CA LEU A 44 5.42 14.97 -14.07
C LEU A 44 5.34 15.97 -12.91
N SER A 45 6.48 16.51 -12.48
CA SER A 45 6.50 17.29 -11.25
C SER A 45 5.91 18.69 -11.45
N ALA A 46 6.32 19.39 -12.52
CA ALA A 46 5.82 20.74 -12.75
C ALA A 46 4.34 20.72 -13.11
N SER A 47 3.90 19.74 -13.90
CA SER A 47 2.53 19.69 -14.39
C SER A 47 1.56 19.09 -13.37
N LEU A 48 1.93 17.96 -12.75
CA LEU A 48 1.01 17.27 -11.86
C LEU A 48 1.39 17.37 -10.39
N GLY A 49 2.58 17.86 -10.06
CA GLY A 49 3.05 17.80 -8.68
C GLY A 49 3.39 16.40 -8.22
N LEU A 50 3.69 15.49 -9.15
CA LEU A 50 4.00 14.11 -8.88
C LEU A 50 5.46 13.82 -9.11
N GLN A 51 5.99 12.85 -8.38
CA GLN A 51 7.43 12.44 -8.48
C GLN A 51 7.55 10.92 -8.36
N LEU A 52 8.25 10.28 -9.31
CA LEU A 52 8.48 8.82 -9.25
C LEU A 52 9.49 8.53 -8.13
N VAL A 53 9.24 7.48 -7.33
CA VAL A 53 10.10 7.13 -6.16
C VAL A 53 10.08 5.61 -5.95
N GLY A 54 10.71 5.13 -4.87
CA GLY A 54 10.76 3.69 -4.57
C GLY A 54 11.56 2.94 -5.61
N PRO A 55 10.97 1.95 -6.33
CA PRO A 55 11.71 1.20 -7.35
C PRO A 55 12.22 2.15 -8.45
N TYR A 56 11.42 3.16 -8.83
CA TYR A 56 11.85 4.15 -9.85
C TYR A 56 13.20 4.75 -9.45
N ASP A 57 13.44 4.99 -8.15
CA ASP A 57 14.76 5.49 -7.74
C ASP A 57 15.86 4.57 -8.24
N ILE A 58 15.61 3.27 -8.27
CA ILE A 58 16.62 2.33 -8.74
C ILE A 58 16.80 2.44 -10.25
N LEU A 59 15.68 2.44 -11.00
CA LEU A 59 15.77 2.66 -12.45
C LEU A 59 16.51 3.95 -12.76
N ALA A 60 16.32 4.98 -11.94
CA ALA A 60 17.03 6.24 -12.13
C ALA A 60 18.51 6.16 -11.74
N GLY A 61 18.95 5.04 -11.14
CA GLY A 61 20.32 4.96 -10.67
C GLY A 61 20.63 5.82 -9.47
N LYS A 62 19.61 6.30 -8.75
CA LYS A 62 19.84 7.14 -7.58
C LYS A 62 20.46 6.37 -6.42
N HIS A 63 20.43 5.05 -6.46
CA HIS A 63 20.99 4.24 -5.38
C HIS A 63 22.49 4.04 -5.49
N LYS A 64 23.12 4.57 -6.54
CA LYS A 64 24.56 4.40 -6.76
C LYS A 64 25.34 5.72 -6.65
N GLY A 71 24.09 1.11 5.07
CA GLY A 71 22.73 0.65 5.33
C GLY A 71 21.69 1.20 4.37
N LEU A 72 21.06 0.31 3.60
CA LEU A 72 20.06 0.70 2.61
C LEU A 72 18.99 -0.38 2.57
N ASN A 73 17.84 -0.08 3.17
CA ASN A 73 16.77 -1.05 3.34
C ASN A 73 15.58 -0.64 2.49
N PHE A 74 15.37 -1.35 1.38
CA PHE A 74 14.27 -0.94 0.51
C PHE A 74 12.90 -1.36 1.06
N ASN A 75 12.86 -2.20 2.08
CA ASN A 75 11.59 -2.49 2.76
C ASN A 75 11.03 -1.26 3.44
N LEU A 76 11.86 -0.25 3.73
CA LEU A 76 11.43 0.98 4.38
C LEU A 76 11.43 2.18 3.45
N HIS A 77 11.95 2.03 2.24
CA HIS A 77 12.18 3.16 1.35
C HIS A 77 10.84 3.70 0.82
N TRP A 78 10.54 4.95 1.15
CA TRP A 78 9.27 5.60 0.85
C TRP A 78 8.07 4.80 1.36
N ARG A 79 8.26 4.04 2.44
CA ARG A 79 7.15 3.40 3.12
C ARG A 79 6.56 4.41 4.11
N PHE A 80 5.38 4.93 3.79
CA PHE A 80 4.69 5.88 4.64
C PHE A 80 4.06 5.19 5.85
N TYR A 81 3.61 6.02 6.80
CA TYR A 81 3.22 5.53 8.12
C TYR A 81 2.15 4.45 8.06
N TYR A 82 1.21 4.54 7.11
CA TYR A 82 0.10 3.58 7.05
C TYR A 82 0.23 2.58 5.90
N ASP A 83 1.40 2.46 5.29
CA ASP A 83 1.58 1.51 4.18
C ASP A 83 1.72 0.10 4.72
N PRO A 84 0.72 -0.77 4.56
CA PRO A 84 0.90 -2.17 4.96
C PRO A 84 1.91 -2.84 4.06
N PRO A 85 2.45 -4.01 4.42
CA PRO A 85 3.49 -4.64 3.58
C PRO A 85 3.05 -4.88 2.14
N GLU A 86 1.75 -5.07 1.91
CA GLU A 86 1.21 -5.25 0.56
C GLU A 86 1.47 -4.05 -0.36
N PHE A 87 1.77 -2.88 0.21
CA PHE A 87 1.74 -1.60 -0.48
C PHE A 87 3.16 -1.10 -0.73
N GLN A 88 3.52 -0.93 -2.00
CA GLN A 88 4.87 -0.53 -2.41
C GLN A 88 4.79 0.81 -3.13
N THR A 89 5.26 1.88 -2.49
CA THR A 89 5.16 3.22 -3.05
C THR A 89 5.95 3.36 -4.34
N ILE A 90 5.34 3.97 -5.35
CA ILE A 90 6.03 4.28 -6.59
C ILE A 90 5.96 5.75 -6.95
N ILE A 91 5.01 6.50 -6.39
CA ILE A 91 4.81 7.89 -6.78
C ILE A 91 4.38 8.68 -5.56
N ILE A 92 4.91 9.89 -5.41
CA ILE A 92 4.50 10.78 -4.33
C ILE A 92 3.93 12.05 -4.91
N GLY A 93 2.97 12.63 -4.20
CA GLY A 93 2.45 13.93 -4.55
C GLY A 93 2.56 14.91 -3.40
N ASP A 94 1.50 15.69 -3.18
CA ASP A 94 1.46 16.73 -2.16
C ASP A 94 1.96 16.25 -0.81
N ASN A 95 3.06 16.84 -0.34
CA ASN A 95 3.60 16.44 0.96
C ASN A 95 2.81 16.99 2.14
N LYS A 96 1.93 17.97 1.94
CA LYS A 96 1.08 18.43 3.04
C LYS A 96 0.10 17.34 3.46
N THR A 97 -0.42 16.57 2.50
CA THR A 97 -1.28 15.43 2.82
C THR A 97 -0.54 14.09 2.79
N GLN A 98 0.73 14.08 2.35
CA GLN A 98 1.48 12.85 2.04
C GLN A 98 0.69 11.92 1.12
N TYR A 99 0.09 12.52 0.10
CA TYR A 99 -0.46 11.77 -1.01
C TYR A 99 0.62 10.92 -1.67
N HIS A 100 0.32 9.66 -1.95
CA HIS A 100 1.25 8.81 -2.68
C HIS A 100 0.49 7.63 -3.26
N MET A 101 1.08 7.03 -4.29
CA MET A 101 0.54 5.85 -4.95
C MET A 101 1.50 4.68 -4.81
N GLY A 102 0.96 3.48 -4.74
CA GLY A 102 1.77 2.29 -4.61
C GLY A 102 1.12 1.11 -5.26
N TYR A 103 1.95 0.17 -5.73
CA TYR A 103 1.41 -1.12 -6.14
C TYR A 103 0.94 -1.89 -4.91
N PHE A 104 -0.19 -2.57 -5.06
CA PHE A 104 -0.77 -3.39 -4.01
C PHE A 104 -0.72 -4.85 -4.43
N ARG A 105 0.00 -5.66 -3.66
CA ARG A 105 0.14 -7.10 -3.90
C ARG A 105 -0.45 -7.86 -2.71
N ASP A 106 -1.29 -8.85 -2.97
CA ASP A 106 -1.75 -9.69 -1.86
C ASP A 106 -0.68 -10.66 -1.39
N SER A 107 0.27 -11.01 -2.25
CA SER A 107 1.31 -11.97 -1.95
C SER A 107 2.60 -11.48 -2.56
N PRO A 108 3.74 -11.65 -1.88
CA PRO A 108 5.02 -11.26 -2.49
C PRO A 108 5.38 -12.07 -3.71
N ASP A 109 4.71 -13.19 -3.95
CA ASP A 109 4.98 -14.03 -5.12
C ASP A 109 4.12 -13.68 -6.32
N GLU A 110 3.20 -12.73 -6.18
CA GLU A 110 2.31 -12.36 -7.27
C GLU A 110 2.65 -10.96 -7.77
N PHE A 111 2.19 -10.68 -8.97
CA PHE A 111 2.21 -9.32 -9.48
C PHE A 111 1.18 -8.48 -8.73
N PRO A 112 1.36 -7.16 -8.70
CA PRO A 112 0.34 -6.29 -8.09
C PRO A 112 -1.03 -6.55 -8.69
N VAL A 113 -2.05 -6.49 -7.82
CA VAL A 113 -3.42 -6.56 -8.31
C VAL A 113 -3.96 -5.19 -8.71
N TYR A 114 -3.40 -4.10 -8.19
CA TYR A 114 -3.79 -2.76 -8.67
C TYR A 114 -2.87 -1.72 -8.06
N VAL A 115 -3.10 -0.46 -8.44
CA VAL A 115 -2.41 0.69 -7.86
C VAL A 115 -3.35 1.33 -6.85
N GLY A 116 -2.87 1.48 -5.62
CA GLY A 116 -3.65 2.11 -4.57
C GLY A 116 -3.08 3.45 -4.20
N ILE A 117 -3.88 4.31 -3.57
CA ILE A 117 -3.39 5.62 -3.17
C ILE A 117 -3.78 5.83 -1.72
N ASN A 118 -2.97 6.61 -1.01
CA ASN A 118 -3.24 6.96 0.38
C ASN A 118 -2.70 8.36 0.64
N GLU A 119 -3.34 9.05 1.56
CA GLU A 119 -2.84 10.31 2.07
C GLU A 119 -2.50 10.09 3.55
N ALA A 120 -1.22 9.87 3.82
CA ALA A 120 -0.81 9.40 5.14
C ALA A 120 -1.01 10.44 6.25
N LYS A 121 -1.07 11.73 5.91
CA LYS A 121 -1.38 12.70 6.94
C LYS A 121 -2.86 12.78 7.28
N LYS A 122 -3.72 12.11 6.52
CA LYS A 122 -5.16 12.16 6.72
C LYS A 122 -5.74 10.90 7.36
N ASN A 123 -5.42 9.71 6.83
CA ASN A 123 -6.04 8.49 7.31
C ASN A 123 -5.26 7.28 6.80
N CYS A 124 -5.72 6.09 7.17
CA CYS A 124 -5.11 4.83 6.78
C CYS A 124 -5.76 4.21 5.55
N ILE A 125 -6.63 4.93 4.84
CA ILE A 125 -7.45 4.32 3.81
C ILE A 125 -6.68 4.23 2.51
N ILE A 126 -6.74 3.07 1.87
CA ILE A 126 -6.10 2.79 0.59
C ILE A 126 -7.20 2.74 -0.47
N VAL A 127 -7.14 3.65 -1.43
CA VAL A 127 -8.18 3.81 -2.45
C VAL A 127 -7.67 3.23 -3.76
N PRO A 128 -8.42 2.34 -4.42
CA PRO A 128 -8.00 1.85 -5.74
C PRO A 128 -7.93 2.97 -6.76
N ASN A 129 -6.96 2.87 -7.66
CA ASN A 129 -6.70 3.93 -8.63
C ASN A 129 -6.20 3.31 -9.93
N GLY A 130 -6.96 2.35 -10.48
CA GLY A 130 -6.59 1.64 -11.68
C GLY A 130 -5.71 0.44 -11.38
N ASP A 131 -5.51 -0.41 -12.38
CA ASP A 131 -4.69 -1.60 -12.17
C ASP A 131 -3.30 -1.47 -12.79
N ASN A 132 -2.95 -0.27 -13.25
CA ASN A 132 -1.63 -0.06 -13.81
C ASN A 132 -1.33 1.42 -13.61
N VAL A 133 -0.04 1.75 -13.73
CA VAL A 133 0.38 3.11 -13.36
C VAL A 133 -0.04 4.13 -14.41
N PHE A 134 -0.20 3.72 -15.67
CA PHE A 134 -0.75 4.63 -16.69
C PHE A 134 -2.15 5.12 -16.28
N ALA A 135 -3.02 4.18 -15.91
CA ALA A 135 -4.35 4.51 -15.39
C ALA A 135 -4.27 5.40 -14.16
N ALA A 136 -3.38 5.05 -13.22
CA ALA A 136 -3.31 5.78 -11.95
C ALA A 136 -2.97 7.24 -12.17
N VAL A 137 -2.04 7.51 -13.10
CA VAL A 137 -1.65 8.90 -13.34
C VAL A 137 -2.72 9.62 -14.17
N LYS A 138 -3.33 8.92 -15.12
CA LYS A 138 -4.43 9.50 -15.91
C LYS A 138 -5.60 9.88 -15.02
N LEU A 139 -5.99 9.00 -14.09
CA LEU A 139 -7.06 9.33 -13.17
C LEU A 139 -6.69 10.53 -12.30
N PHE A 140 -5.45 10.56 -11.80
CA PHE A 140 -4.98 11.73 -11.05
C PHE A 140 -5.05 12.98 -11.92
N LEU A 141 -4.60 12.89 -13.17
CA LEU A 141 -4.59 14.06 -14.03
C LEU A 141 -6.00 14.59 -14.25
N THR A 142 -6.96 13.69 -14.52
CA THR A 142 -8.35 14.11 -14.74
C THR A 142 -8.87 14.89 -13.56
N LYS A 143 -8.59 14.40 -12.35
CA LYS A 143 -9.02 15.06 -11.13
C LYS A 143 -8.29 16.38 -10.93
N LYS A 144 -6.98 16.41 -11.22
CA LYS A 144 -6.22 17.64 -11.06
C LYS A 144 -6.68 18.71 -12.04
N LEU A 145 -6.99 18.32 -13.27
CA LEU A 145 -7.47 19.28 -14.27
C LEU A 145 -8.71 20.03 -13.79
N LYS A 146 -9.54 19.42 -12.93
CA LYS A 146 -10.74 20.08 -12.42
C LYS A 146 -10.41 21.32 -11.62
N GLU A 147 -9.20 21.42 -11.06
CA GLU A 147 -8.81 22.54 -10.20
C GLU A 147 -8.06 23.64 -10.93
N ILE A 148 -7.67 23.44 -12.19
CA ILE A 148 -6.72 24.35 -12.87
C ILE A 148 -7.46 25.54 -13.47
N THR A 149 -6.99 26.75 -13.19
CA THR A 149 -7.61 27.97 -13.69
C THR A 149 -6.75 28.73 -14.68
N ASP A 150 -5.61 28.18 -15.08
CA ASP A 150 -4.64 28.84 -15.94
C ASP A 150 -4.59 28.14 -17.30
N LYS A 151 -4.75 28.93 -18.38
CA LYS A 151 -4.94 28.34 -19.71
C LYS A 151 -3.71 27.55 -20.15
N LYS A 152 -2.50 28.04 -19.85
CA LYS A 152 -1.30 27.32 -20.25
C LYS A 152 -1.20 25.98 -19.53
N LYS A 153 -1.48 25.95 -18.23
CA LYS A 153 -1.48 24.68 -17.51
C LYS A 153 -2.57 23.75 -18.04
N ILE A 154 -3.75 24.29 -18.34
CA ILE A 154 -4.82 23.49 -18.94
C ILE A 154 -4.32 22.85 -20.22
N ASN A 155 -3.71 23.66 -21.09
CA ASN A 155 -3.18 23.15 -22.35
C ASN A 155 -2.14 22.05 -22.13
N LEU A 156 -1.23 22.28 -21.17
CA LEU A 156 -0.19 21.31 -20.88
C LEU A 156 -0.78 19.99 -20.40
N LEU A 157 -1.76 20.04 -19.49
CA LEU A 157 -2.32 18.80 -18.97
C LEU A 157 -3.11 18.05 -20.03
N LYS A 158 -3.84 18.77 -20.88
CA LYS A 158 -4.55 18.11 -21.97
C LYS A 158 -3.59 17.38 -22.89
N ASN A 159 -2.43 17.99 -23.18
CA ASN A 159 -1.42 17.31 -23.99
C ASN A 159 -0.91 16.04 -23.29
N ILE A 160 -0.53 16.15 -22.02
CA ILE A 160 -0.07 14.97 -21.28
C ILE A 160 -1.16 13.92 -21.22
N ASP A 161 -2.41 14.34 -21.01
CA ASP A 161 -3.53 13.40 -21.03
C ASP A 161 -3.62 12.66 -22.35
N GLU A 162 -3.44 13.38 -23.47
CA GLU A 162 -3.46 12.74 -24.77
C GLU A 162 -2.33 11.72 -24.92
N LYS A 163 -1.13 12.07 -24.46
CA LYS A 163 0.00 11.13 -24.53
C LYS A 163 -0.23 9.90 -23.65
N LEU A 164 -0.71 10.10 -22.42
CA LEU A 164 -1.00 8.96 -21.56
C LEU A 164 -2.02 8.04 -22.19
N THR A 165 -3.12 8.62 -22.68
CA THR A 165 -4.20 7.84 -23.28
C THR A 165 -3.70 7.02 -24.46
N GLU A 166 -2.94 7.65 -25.35
CA GLU A 166 -2.44 6.92 -26.52
C GLU A 166 -1.46 5.82 -26.13
N ALA A 167 -0.56 6.11 -25.19
CA ALA A 167 0.37 5.09 -24.72
C ALA A 167 -0.36 3.91 -24.08
N ALA A 168 -1.38 4.20 -23.27
CA ALA A 168 -2.16 3.12 -22.67
C ALA A 168 -2.90 2.33 -23.74
N ARG A 169 -3.49 3.03 -24.70
CA ARG A 169 -4.18 2.37 -25.81
C ARG A 169 -3.25 1.43 -26.55
N GLU A 170 -2.04 1.92 -26.89
CA GLU A 170 -1.09 1.10 -27.64
C GLU A 170 -0.64 -0.12 -26.86
N LEU A 171 -0.52 -0.02 -25.54
CA LEU A 171 -0.11 -1.15 -24.71
C LEU A 171 -1.27 -2.04 -24.28
N GLY A 172 -2.51 -1.59 -24.49
CA GLY A 172 -3.65 -2.39 -24.09
C GLY A 172 -3.99 -2.30 -22.63
N TYR A 173 -3.72 -1.17 -21.99
CA TYR A 173 -3.97 -0.99 -20.57
C TYR A 173 -5.31 -0.31 -20.37
N SER A 174 -6.14 -0.87 -19.49
CA SER A 174 -7.37 -0.18 -19.15
C SER A 174 -7.06 1.10 -18.38
N LEU A 175 -7.92 2.10 -18.57
CA LEU A 175 -7.82 3.36 -17.84
C LEU A 175 -8.90 3.50 -16.78
N GLU A 176 -9.64 2.43 -16.50
CA GLU A 176 -10.71 2.46 -15.51
C GLU A 176 -10.15 2.42 -14.10
N GLN A 177 -10.87 3.09 -13.17
CA GLN A 177 -10.48 3.05 -11.77
C GLN A 177 -10.59 1.64 -11.19
N ARG A 178 -11.59 0.88 -11.63
CA ARG A 178 -11.75 -0.52 -11.21
C ARG A 178 -12.00 -1.38 -12.44
N THR A 179 -11.08 -2.28 -12.74
CA THR A 179 -11.20 -3.17 -13.87
C THR A 179 -11.94 -4.44 -13.48
N VAL A 180 -12.11 -5.34 -14.45
CA VAL A 180 -12.79 -6.60 -14.21
C VAL A 180 -11.96 -7.49 -13.29
N LYS A 181 -10.65 -7.63 -13.57
CA LYS A 181 -9.80 -8.43 -12.69
C LYS A 181 -9.79 -7.87 -11.27
N MET A 182 -9.90 -6.55 -11.12
CA MET A 182 -9.99 -5.96 -9.78
C MET A 182 -11.32 -6.33 -9.11
N LYS A 183 -12.42 -6.22 -9.85
CA LYS A 183 -13.72 -6.62 -9.32
C LYS A 183 -13.78 -8.11 -9.07
N GLN A 184 -12.99 -8.88 -9.82
CA GLN A 184 -12.89 -10.31 -9.57
C GLN A 184 -12.10 -10.61 -8.31
N ARG A 185 -11.00 -9.87 -8.09
CA ARG A 185 -10.25 -10.03 -6.86
C ARG A 185 -11.11 -9.73 -5.63
N ASP A 186 -11.96 -8.70 -5.72
CA ASP A 186 -12.83 -8.38 -4.58
C ASP A 186 -13.70 -9.57 -4.17
N LYS A 187 -14.01 -10.46 -5.11
CA LYS A 187 -14.75 -11.67 -4.77
C LYS A 187 -13.97 -12.59 -3.85
N LYS A 188 -12.64 -12.49 -3.82
CA LYS A 188 -11.82 -13.30 -2.93
C LYS A 188 -11.54 -12.64 -1.58
N VAL A 189 -11.96 -11.39 -1.39
CA VAL A 189 -11.61 -10.65 -0.18
C VAL A 189 -12.38 -11.21 1.00
N VAL A 190 -11.66 -11.68 2.03
CA VAL A 190 -12.36 -12.27 3.18
C VAL A 190 -12.78 -11.21 4.19
N THR A 191 -12.22 -10.02 4.15
CA THR A 191 -12.58 -8.88 4.99
C THR A 191 -11.90 -7.63 4.44
N LYS A 192 -12.51 -6.47 4.70
CA LYS A 192 -11.97 -5.22 4.19
C LYS A 192 -10.75 -4.71 4.97
N THR A 193 -10.73 -4.93 6.29
CA THR A 193 -9.86 -4.27 7.28
C THR A 193 -10.13 -2.79 7.35
N PHE A 194 -9.45 -2.12 8.29
CA PHE A 194 -9.61 -0.68 8.46
C PHE A 194 -9.16 0.09 7.22
N HIS A 195 -8.20 -0.42 6.45
CA HIS A 195 -7.78 0.39 5.30
C HIS A 195 -8.66 0.19 4.08
N GLY A 196 -9.57 -0.78 4.11
CA GLY A 196 -10.58 -0.92 3.07
C GLY A 196 -10.13 -1.58 1.79
N ALA A 197 -8.85 -1.94 1.65
CA ALA A 197 -8.35 -2.52 0.42
C ALA A 197 -8.50 -4.04 0.39
N GLY A 198 -8.80 -4.66 1.52
CA GLY A 198 -9.15 -6.06 1.58
C GLY A 198 -7.97 -6.97 1.84
N LEU A 199 -8.23 -8.07 2.57
CA LEU A 199 -7.31 -9.19 2.73
C LEU A 199 -7.77 -10.35 1.86
N VAL A 200 -6.83 -10.97 1.17
CA VAL A 200 -7.06 -12.17 0.37
C VAL A 200 -6.19 -13.27 0.95
N VAL A 201 -6.81 -14.29 1.54
CA VAL A 201 -6.08 -15.48 1.97
C VAL A 201 -6.78 -16.70 1.40
N PRO A 202 -6.06 -17.82 1.28
CA PRO A 202 -6.71 -19.05 0.80
C PRO A 202 -7.77 -19.54 1.77
N VAL A 203 -8.94 -19.85 1.24
CA VAL A 203 -10.06 -20.42 1.99
C VAL A 203 -10.56 -21.63 1.21
N ASP A 204 -10.60 -22.80 1.85
CA ASP A 204 -11.04 -23.99 1.15
C ASP A 204 -12.56 -24.10 1.22
N LYS A 205 -13.09 -25.20 0.67
CA LYS A 205 -14.54 -25.34 0.56
C LYS A 205 -15.22 -25.59 1.90
N ASN A 206 -14.46 -25.83 2.97
CA ASN A 206 -15.00 -25.92 4.32
C ASN A 206 -14.74 -24.67 5.15
N ASP A 207 -14.49 -23.53 4.49
CA ASP A 207 -14.24 -22.23 5.11
C ASP A 207 -12.94 -22.19 5.91
N VAL A 208 -12.05 -23.17 5.75
CA VAL A 208 -10.81 -23.17 6.50
C VAL A 208 -9.84 -22.19 5.85
N GLY A 209 -9.25 -21.31 6.66
CA GLY A 209 -8.35 -20.27 6.19
C GLY A 209 -8.64 -18.93 6.84
N TYR A 210 -9.89 -18.72 7.25
CA TYR A 210 -10.31 -17.45 7.81
C TYR A 210 -11.48 -17.66 8.78
N ARG A 211 -11.51 -16.86 9.84
CA ARG A 211 -12.69 -16.72 10.69
C ARG A 211 -12.74 -15.27 11.17
N GLU A 212 -13.95 -14.81 11.49
CA GLU A 212 -14.16 -13.40 11.75
C GLU A 212 -13.73 -13.01 13.15
N LEU A 213 -13.43 -11.73 13.33
CA LEU A 213 -13.20 -11.21 14.67
C LEU A 213 -14.52 -11.15 15.43
N PRO A 214 -14.48 -11.30 16.75
CA PRO A 214 -15.73 -11.23 17.54
C PRO A 214 -16.35 -9.85 17.61
N GLU A 215 -15.72 -8.81 17.08
CA GLU A 215 -16.27 -7.47 17.15
C GLU A 215 -16.37 -6.90 15.75
N THR A 216 -17.36 -6.03 15.54
CA THR A 216 -17.41 -5.29 14.29
C THR A 216 -16.27 -4.29 14.24
N ASP A 217 -16.02 -3.75 13.04
CA ASP A 217 -14.98 -2.75 12.88
C ASP A 217 -15.27 -1.51 13.72
N ALA A 218 -16.53 -1.07 13.75
CA ALA A 218 -16.88 0.09 14.59
C ALA A 218 -16.63 -0.20 16.05
N ASP A 219 -16.95 -1.41 16.51
CA ASP A 219 -16.72 -1.74 17.92
C ASP A 219 -15.24 -1.96 18.22
N LEU A 220 -14.49 -2.52 17.27
CA LEU A 220 -13.05 -2.63 17.44
C LEU A 220 -12.41 -1.24 17.56
N LYS A 221 -12.83 -0.31 16.71
CA LYS A 221 -12.31 1.06 16.79
C LYS A 221 -12.64 1.69 18.13
N ARG A 222 -13.81 1.38 18.67
CA ARG A 222 -14.17 1.89 19.99
C ARG A 222 -13.27 1.29 21.07
N ILE A 223 -12.99 0.00 20.98
CA ILE A 223 -12.04 -0.63 21.89
C ILE A 223 -10.68 0.05 21.80
N CYS A 224 -10.20 0.31 20.57
CA CYS A 224 -8.90 0.97 20.40
C CYS A 224 -8.90 2.37 20.98
N LYS A 225 -9.99 3.11 20.77
CA LYS A 225 -10.06 4.46 21.31
C LYS A 225 -9.94 4.47 22.82
N THR A 226 -10.58 3.51 23.51
CA THR A 226 -10.50 3.52 24.97
C THR A 226 -9.09 3.23 25.45
N ILE A 227 -8.32 2.45 24.68
CA ILE A 227 -6.93 2.20 25.03
C ILE A 227 -6.10 3.47 24.90
N VAL A 228 -6.18 4.14 23.74
CA VAL A 228 -5.27 5.27 23.56
C VAL A 228 -5.65 6.42 24.49
N GLU A 229 -6.91 6.51 24.90
CA GLU A 229 -7.37 7.63 25.73
C GLU A 229 -7.38 7.29 27.20
N ALA A 230 -6.91 6.12 27.60
CA ALA A 230 -6.91 5.75 29.00
C ALA A 230 -6.16 6.79 29.84
N ALA A 231 -6.73 7.13 31.00
CA ALA A 231 -6.23 8.22 31.82
C ALA A 231 -5.13 7.80 32.77
N SER A 232 -4.86 6.51 32.89
CA SER A 232 -3.74 6.01 33.66
C SER A 232 -3.30 4.70 33.05
N ASP A 233 -2.10 4.25 33.44
CA ASP A 233 -1.59 2.98 32.91
C ASP A 233 -2.42 1.81 33.42
N GLU A 234 -2.98 1.95 34.63
CA GLU A 234 -3.83 0.87 35.13
C GLU A 234 -5.11 0.76 34.32
N GLU A 235 -5.72 1.89 33.97
CA GLU A 235 -6.90 1.85 33.12
C GLU A 235 -6.57 1.35 31.73
N ARG A 236 -5.39 1.70 31.19
CA ARG A 236 -5.00 1.18 29.89
C ARG A 236 -4.85 -0.33 29.94
N LEU A 237 -4.26 -0.85 31.02
CA LEU A 237 -4.15 -2.29 31.17
C LEU A 237 -5.51 -2.96 31.12
N LYS A 238 -6.51 -2.37 31.79
CA LYS A 238 -7.85 -2.92 31.75
C LYS A 238 -8.47 -2.79 30.35
N ALA A 239 -8.28 -1.64 29.70
CA ALA A 239 -8.82 -1.45 28.35
C ALA A 239 -8.20 -2.42 27.35
N PHE A 240 -7.00 -2.94 27.64
CA PHE A 240 -6.38 -3.94 26.77
C PHE A 240 -7.04 -5.31 26.85
N ALA A 241 -7.81 -5.58 27.90
CA ALA A 241 -8.35 -6.94 28.10
C ALA A 241 -9.08 -7.51 26.89
N PRO A 242 -9.94 -6.78 26.17
CA PRO A 242 -10.56 -7.39 24.97
C PRO A 242 -9.57 -7.71 23.86
N ILE A 243 -8.47 -6.94 23.74
CA ILE A 243 -7.44 -7.26 22.77
C ILE A 243 -6.71 -8.54 23.16
N GLN A 244 -6.30 -8.63 24.43
CA GLN A 244 -5.62 -9.83 24.91
C GLN A 244 -6.47 -11.08 24.67
N GLU A 245 -7.78 -10.96 24.91
CA GLU A 245 -8.69 -12.08 24.65
C GLU A 245 -8.71 -12.45 23.17
N MET A 246 -8.83 -11.46 22.29
CA MET A 246 -8.86 -11.75 20.86
C MET A 246 -7.57 -12.42 20.39
N MET A 247 -6.43 -12.06 21.00
CA MET A 247 -5.17 -12.71 20.66
C MET A 247 -5.16 -14.18 21.05
N THR A 248 -5.81 -14.53 22.17
CA THR A 248 -6.05 -15.94 22.49
C THR A 248 -6.91 -16.61 21.43
N PHE A 249 -7.98 -15.94 20.99
CA PHE A 249 -8.82 -16.51 19.93
C PHE A 249 -8.00 -16.75 18.67
N VAL A 250 -7.05 -15.86 18.38
CA VAL A 250 -6.21 -16.00 17.19
C VAL A 250 -5.32 -17.23 17.31
N GLN A 251 -4.80 -17.51 18.52
CA GLN A 251 -3.99 -18.71 18.71
C GLN A 251 -4.77 -19.97 18.38
N PHE A 252 -6.02 -20.06 18.86
CA PHE A 252 -6.88 -21.19 18.49
C PHE A 252 -7.11 -21.22 16.98
N ALA A 253 -7.38 -20.06 16.38
CA ALA A 253 -7.56 -20.01 14.94
C ALA A 253 -6.32 -20.51 14.21
N ASN A 254 -5.14 -20.10 14.67
CA ASN A 254 -3.91 -20.57 14.05
C ASN A 254 -3.78 -22.09 14.16
N ASP A 255 -4.17 -22.65 15.31
CA ASP A 255 -4.10 -24.10 15.49
C ASP A 255 -5.02 -24.83 14.51
N GLU A 256 -6.10 -24.20 14.07
CA GLU A 256 -7.00 -24.82 13.10
C GLU A 256 -6.84 -24.22 11.70
N CYS A 257 -5.69 -23.59 11.43
CA CYS A 257 -5.30 -23.12 10.11
C CYS A 257 -6.12 -21.93 9.60
N ASP A 258 -6.89 -21.25 10.47
CA ASP A 258 -7.62 -20.06 10.06
C ASP A 258 -6.73 -18.81 10.21
N TYR A 259 -5.66 -18.79 9.40
CA TYR A 259 -4.59 -17.81 9.57
C TYR A 259 -5.06 -16.38 9.34
N GLY A 260 -6.10 -16.19 8.52
CA GLY A 260 -6.53 -14.84 8.17
C GLY A 260 -7.05 -14.02 9.34
N MET A 261 -7.48 -14.69 10.43
CA MET A 261 -8.04 -13.93 11.55
C MET A 261 -6.97 -13.07 12.22
N GLY A 262 -5.80 -13.66 12.48
CA GLY A 262 -4.74 -12.90 13.10
C GLY A 262 -4.16 -11.85 12.18
N LEU A 263 -4.18 -12.13 10.87
CA LEU A 263 -3.78 -11.11 9.91
C LEU A 263 -4.72 -9.91 9.97
N GLU A 264 -6.02 -10.15 10.09
CA GLU A 264 -6.98 -9.06 10.14
C GLU A 264 -6.86 -8.24 11.43
N LEU A 265 -6.73 -8.92 12.58
CA LEU A 265 -6.59 -8.22 13.84
C LEU A 265 -5.33 -7.37 13.84
N GLY A 266 -4.20 -7.98 13.45
CA GLY A 266 -2.95 -7.23 13.39
C GLY A 266 -3.02 -6.05 12.43
N MET A 267 -3.67 -6.25 11.29
CA MET A 267 -3.77 -5.18 10.30
C MET A 267 -4.60 -4.02 10.82
N ASP A 268 -5.73 -4.32 11.48
CA ASP A 268 -6.58 -3.27 12.05
C ASP A 268 -5.84 -2.50 13.13
N LEU A 269 -5.09 -3.20 13.97
CA LEU A 269 -4.32 -2.50 15.01
C LEU A 269 -3.22 -1.65 14.39
N PHE A 270 -2.57 -2.15 13.34
CA PHE A 270 -1.56 -1.35 12.64
C PHE A 270 -2.21 -0.11 12.05
N CYS A 271 -3.36 -0.29 11.39
CA CYS A 271 -4.03 0.81 10.70
C CYS A 271 -4.53 1.86 11.66
N TYR A 272 -4.96 1.45 12.86
CA TYR A 272 -5.40 2.45 13.82
C TYR A 272 -4.29 3.47 14.12
N GLY A 273 -3.02 3.03 14.11
CA GLY A 273 -1.91 3.96 14.05
C GLY A 273 -1.25 4.29 15.37
N SER A 274 -1.77 3.82 16.49
CA SER A 274 -1.21 4.17 17.78
C SER A 274 0.03 3.33 18.09
N HIS A 275 1.06 3.97 18.65
CA HIS A 275 2.22 3.24 19.15
C HIS A 275 1.87 2.27 20.27
N TYR A 276 0.72 2.43 20.93
CA TYR A 276 0.30 1.46 21.93
C TYR A 276 0.04 0.08 21.36
N PHE A 277 -0.08 -0.06 20.04
CA PHE A 277 -0.41 -1.32 19.39
C PHE A 277 0.77 -1.96 18.67
N HIS A 278 1.94 -1.33 18.65
CA HIS A 278 3.08 -1.91 17.91
C HIS A 278 3.49 -3.26 18.46
N LYS A 279 3.46 -3.43 19.79
CA LYS A 279 3.87 -4.70 20.36
C LYS A 279 2.94 -5.83 19.93
N VAL A 280 1.62 -5.66 20.11
CA VAL A 280 0.71 -6.74 19.73
C VAL A 280 0.73 -6.94 18.23
N ALA A 281 0.77 -5.86 17.45
CA ALA A 281 0.84 -6.01 16.00
C ALA A 281 2.12 -6.76 15.60
N GLY A 282 3.22 -6.53 16.32
CA GLY A 282 4.45 -7.28 16.08
C GLY A 282 4.37 -8.73 16.49
N GLN A 283 3.40 -9.08 17.34
CA GLN A 283 3.13 -10.48 17.67
C GLN A 283 2.13 -11.11 16.71
N LEU A 284 1.28 -10.33 16.04
CA LEU A 284 0.27 -10.90 15.15
C LEU A 284 0.74 -11.00 13.70
N LEU A 285 1.27 -9.89 13.16
CA LEU A 285 1.48 -9.81 11.72
C LEU A 285 2.63 -10.67 11.22
N PRO A 286 3.83 -10.65 11.83
CA PRO A 286 4.90 -11.55 11.35
C PRO A 286 4.49 -13.01 11.35
N LEU A 287 3.91 -13.48 12.46
CA LEU A 287 3.45 -14.88 12.52
C LEU A 287 2.45 -15.18 11.41
N ALA A 288 1.42 -14.34 11.26
CA ALA A 288 0.40 -14.59 10.24
C ALA A 288 1.01 -14.67 8.84
N TYR A 289 1.90 -13.73 8.51
CA TYR A 289 2.51 -13.73 7.18
C TYR A 289 3.38 -14.97 6.98
N ASN A 290 4.09 -15.38 8.03
CA ASN A 290 4.89 -16.60 7.93
C ASN A 290 4.01 -17.82 7.74
N LEU A 291 2.97 -17.96 8.56
CA LEU A 291 2.05 -19.09 8.41
C LEU A 291 1.42 -19.11 7.03
N LEU A 292 1.17 -17.94 6.45
CA LEU A 292 0.64 -17.85 5.09
C LEU A 292 1.72 -17.99 4.02
N LYS A 293 2.98 -18.22 4.39
CA LYS A 293 4.08 -18.31 3.44
C LYS A 293 4.23 -17.02 2.62
N ARG A 294 4.03 -15.89 3.29
CA ARG A 294 4.28 -14.58 2.71
C ARG A 294 5.46 -13.95 3.43
N ASN A 295 6.57 -14.68 3.46
CA ASN A 295 7.66 -14.39 4.39
C ASN A 295 8.20 -12.98 4.23
N LEU A 296 8.26 -12.48 2.98
CA LEU A 296 8.77 -11.12 2.78
C LEU A 296 7.93 -10.09 3.54
N PHE A 297 6.60 -10.26 3.55
CA PHE A 297 5.75 -9.32 4.27
C PHE A 297 6.01 -9.37 5.78
N ALA A 298 6.35 -10.54 6.31
CA ALA A 298 6.75 -10.64 7.72
C ALA A 298 8.01 -9.80 7.98
N GLU A 299 8.98 -9.86 7.08
CA GLU A 299 10.17 -9.02 7.19
C GLU A 299 9.81 -7.54 7.16
N ILE A 300 8.98 -7.13 6.19
CA ILE A 300 8.63 -5.73 6.07
C ILE A 300 7.96 -5.23 7.35
N ILE A 301 6.97 -5.97 7.87
CA ILE A 301 6.21 -5.42 8.99
C ILE A 301 7.08 -5.32 10.26
N GLU A 302 7.94 -6.31 10.51
CA GLU A 302 8.89 -6.23 11.61
C GLU A 302 9.74 -4.97 11.51
N GLU A 303 10.34 -4.75 10.34
CA GLU A 303 11.26 -3.62 10.18
C GLU A 303 10.51 -2.29 10.22
N HIS A 304 9.29 -2.25 9.70
CA HIS A 304 8.50 -1.02 9.73
C HIS A 304 8.03 -0.68 11.15
N LEU A 305 7.53 -1.68 11.87
CA LEU A 305 7.11 -1.43 13.25
C LEU A 305 8.30 -0.99 14.11
N ALA A 306 9.50 -1.51 13.84
CA ALA A 306 10.68 -1.07 14.59
C ALA A 306 11.11 0.35 14.23
N ASN A 307 10.65 0.88 13.09
CA ASN A 307 11.10 2.17 12.55
C ASN A 307 9.93 2.84 11.82
N ARG A 308 8.87 3.18 12.54
CA ARG A 308 7.63 3.62 11.88
C ARG A 308 7.63 5.14 11.80
N SER A 309 8.44 5.66 10.87
CA SER A 309 8.70 7.12 10.79
C SER A 309 7.72 7.88 9.89
N GLN A 310 7.76 9.20 10.02
CA GLN A 310 6.94 10.15 9.21
C GLN A 310 7.84 10.79 8.12
N GLU A 311 9.11 10.36 8.07
CA GLU A 311 10.12 10.72 7.04
C GLU A 311 10.73 9.38 6.57
N ASN A 312 10.85 9.11 5.26
CA ASN A 312 11.21 7.71 4.92
C ASN A 312 12.03 7.52 3.62
N ILE A 313 12.81 8.50 3.16
CA ILE A 313 13.59 8.25 1.95
C ILE A 313 14.96 7.75 2.36
N ASP A 314 15.25 6.49 2.04
CA ASP A 314 16.50 5.88 2.46
C ASP A 314 17.72 6.48 1.76
N GLN A 315 17.53 7.32 0.72
CA GLN A 315 18.62 7.97 0.02
C GLN A 315 18.98 9.35 0.56
N LEU A 316 18.23 9.86 1.54
CA LEU A 316 18.63 11.04 2.33
C LEU A 316 18.96 12.25 1.45
NA NA B . -11.50 -5.70 10.25
#